data_3R8G
#
_entry.id   3R8G
#
_cell.length_a   57.794
_cell.length_b   64.533
_cell.length_c   96.177
_cell.angle_alpha   90.00
_cell.angle_beta   90.00
_cell.angle_gamma   90.00
#
_symmetry.space_group_name_H-M   'P 21 21 21'
#
loop_
_entity.id
_entity.type
_entity.pdbx_description
1 polymer 'Aldo-keto reductase family 1 member C3'
2 non-polymer 'NADP NICOTINAMIDE-ADENINE-DINUCLEOTIDE PHOSPHATE'
3 non-polymer '(2R)-2-[4-(2-methylpropyl)phenyl]propanoic acid'
4 non-polymer 1,2-ETHANEDIOL
5 water water
#
_entity_poly.entity_id   1
_entity_poly.type   'polypeptide(L)'
_entity_poly.pdbx_seq_one_letter_code
;MDSKHQCVKLNDGHFMPVLGFGTYAPPEVPRSKALEVTKLAIEAGFRHIDSAHLYNNEEQVGLAIRSKIADGSVKREDIF
YTSKLWSTFHRPELVRPALENSLKKAQLDYVDLYLIHSPMSLKPGEELSPTDENGKVIFDIVDLCTTWEAMEKCKDAGLA
KSIGVSNFNRRQLEMILNKPGLKYKPVCNQVECHPYFNRSKLLDFCKSKDIVLVAYSALGSQRDKRWVDPNSPVLLEDPV
LCALAKKHKRTPALIALRYQLQRGVVVLAKSYNEQRIRQNVQVFEFQLTAEDMKAIDGLDRNLHYFNSDSFASHPNYPYS
DEYLEHHHHHH
;
_entity_poly.pdbx_strand_id   A
#
loop_
_chem_comp.id
_chem_comp.type
_chem_comp.name
_chem_comp.formula
EDO non-polymer 1,2-ETHANEDIOL 'C2 H6 O2'
IZP non-polymer '(2R)-2-[4-(2-methylpropyl)phenyl]propanoic acid' 'C13 H18 O2'
NAP non-polymer 'NADP NICOTINAMIDE-ADENINE-DINUCLEOTIDE PHOSPHATE' 'C21 H28 N7 O17 P3'
#
# COMPACT_ATOMS: atom_id res chain seq x y z
N GLN A 6 -5.24 -11.80 -10.46
CA GLN A 6 -4.14 -11.72 -11.43
C GLN A 6 -3.12 -10.64 -10.96
N CYS A 7 -2.20 -10.32 -11.87
CA CYS A 7 -1.05 -9.51 -11.54
C CYS A 7 -0.97 -8.37 -12.56
N VAL A 8 -0.23 -7.32 -12.18
CA VAL A 8 0.06 -6.29 -13.16
C VAL A 8 1.58 -6.35 -13.41
N LYS A 9 2.02 -6.06 -14.65
CA LYS A 9 3.44 -6.00 -14.92
C LYS A 9 4.03 -4.63 -14.65
N LEU A 10 5.04 -4.61 -13.78
CA LEU A 10 5.63 -3.33 -13.30
C LEU A 10 6.59 -2.86 -14.32
N ASN A 11 7.02 -1.60 -14.20
CA ASN A 11 7.84 -1.04 -15.25
C ASN A 11 9.31 -1.59 -15.26
N ASP A 12 9.65 -2.46 -14.31
CA ASP A 12 10.98 -3.16 -14.27
C ASP A 12 10.87 -4.64 -14.70
N GLY A 13 9.69 -5.02 -15.14
CA GLY A 13 9.50 -6.41 -15.65
C GLY A 13 9.02 -7.41 -14.62
N HIS A 14 8.97 -7.04 -13.35
CA HIS A 14 8.45 -7.94 -12.30
C HIS A 14 6.94 -7.82 -12.24
N PHE A 15 6.28 -8.75 -11.61
CA PHE A 15 4.82 -8.75 -11.61
C PHE A 15 4.32 -8.55 -10.20
N MET A 16 3.24 -7.77 -10.06
CA MET A 16 2.69 -7.49 -8.72
C MET A 16 1.24 -7.96 -8.66
N PRO A 17 0.85 -8.80 -7.69
CA PRO A 17 -0.59 -9.17 -7.65
C PRO A 17 -1.49 -7.97 -7.35
N VAL A 18 -2.63 -7.89 -8.04
CA VAL A 18 -3.42 -6.63 -7.94
C VAL A 18 -4.23 -6.50 -6.64
N LEU A 19 -4.41 -7.59 -5.88
CA LEU A 19 -5.08 -7.46 -4.56
C LEU A 19 -4.03 -7.79 -3.54
N GLY A 20 -3.83 -6.89 -2.59
CA GLY A 20 -2.82 -7.10 -1.53
C GLY A 20 -3.44 -7.13 -0.15
N PHE A 21 -2.80 -7.86 0.79
CA PHE A 21 -3.28 -8.00 2.16
C PHE A 21 -2.60 -6.92 3.00
N GLY A 22 -3.39 -6.10 3.71
CA GLY A 22 -2.80 -5.09 4.57
C GLY A 22 -2.56 -5.71 5.95
N THR A 23 -1.37 -5.48 6.52
CA THR A 23 -0.97 -6.20 7.75
C THR A 23 -0.98 -5.30 9.00
N TYR A 24 -1.19 -3.98 8.83
CA TYR A 24 -1.12 -3.10 10.00
C TYR A 24 -2.29 -3.32 10.99
N ALA A 25 -1.96 -3.43 12.27
CA ALA A 25 -2.99 -3.36 13.32
C ALA A 25 -2.38 -2.59 14.47
N PRO A 26 -3.19 -1.81 15.15
CA PRO A 26 -2.68 -0.96 16.21
C PRO A 26 -2.11 -1.83 17.39
N PRO A 27 -1.30 -1.21 18.25
CA PRO A 27 -0.62 -1.88 19.36
C PRO A 27 -1.52 -2.65 20.30
N GLU A 28 -2.79 -2.29 20.41
CA GLU A 28 -3.69 -3.03 21.31
C GLU A 28 -4.06 -4.41 20.79
N VAL A 29 -3.63 -4.71 19.55
CA VAL A 29 -3.87 -6.00 18.99
C VAL A 29 -2.57 -6.80 19.19
N PRO A 30 -2.63 -7.98 19.85
CA PRO A 30 -1.37 -8.68 20.16
C PRO A 30 -0.61 -9.01 18.89
N ARG A 31 0.70 -8.86 18.95
CA ARG A 31 1.57 -9.21 17.84
C ARG A 31 1.28 -10.56 17.21
N SER A 32 0.82 -11.52 18.01
CA SER A 32 0.57 -12.87 17.55
C SER A 32 -0.55 -12.92 16.51
N LYS A 33 -1.52 -12.02 16.60
CA LYS A 33 -2.54 -11.99 15.56
C LYS A 33 -1.98 -11.83 14.14
N ALA A 34 -0.92 -11.00 13.93
CA ALA A 34 -0.40 -10.77 12.53
C ALA A 34 0.05 -12.10 11.93
N LEU A 35 0.59 -13.00 12.78
CA LEU A 35 0.98 -14.32 12.23
C LEU A 35 -0.22 -15.10 11.76
N GLU A 36 -1.23 -15.15 12.63
CA GLU A 36 -2.42 -15.91 12.40
C GLU A 36 -3.17 -15.39 11.17
N VAL A 37 -3.37 -14.08 11.09
CA VAL A 37 -4.16 -13.57 9.95
C VAL A 37 -3.39 -13.57 8.66
N THR A 38 -2.07 -13.46 8.70
CA THR A 38 -1.33 -13.50 7.42
C THR A 38 -1.39 -14.89 6.84
N LYS A 39 -1.29 -15.87 7.72
CA LYS A 39 -1.52 -17.23 7.25
C LYS A 39 -2.93 -17.40 6.66
N LEU A 40 -3.98 -16.91 7.34
CA LEU A 40 -5.33 -17.02 6.83
C LEU A 40 -5.49 -16.31 5.47
N ALA A 41 -4.84 -15.15 5.35
CA ALA A 41 -4.85 -14.43 4.03
C ALA A 41 -4.26 -15.24 2.91
N ILE A 42 -3.13 -15.88 3.14
CA ILE A 42 -2.49 -16.66 2.07
C ILE A 42 -3.41 -17.87 1.77
N GLU A 43 -3.97 -18.45 2.83
CA GLU A 43 -4.94 -19.56 2.65
C GLU A 43 -6.12 -19.15 1.79
N ALA A 44 -6.63 -17.95 2.04
CA ALA A 44 -7.77 -17.41 1.27
C ALA A 44 -7.43 -17.14 -0.18
N GLY A 45 -6.14 -16.93 -0.49
CA GLY A 45 -5.74 -16.69 -1.88
C GLY A 45 -4.96 -15.36 -2.05
N PHE A 46 -4.73 -14.58 -0.98
CA PHE A 46 -3.86 -13.39 -1.16
C PHE A 46 -2.43 -13.85 -1.47
N ARG A 47 -1.75 -13.10 -2.33
CA ARG A 47 -0.37 -13.41 -2.71
C ARG A 47 0.52 -12.16 -2.58
N HIS A 48 -0.09 -11.00 -2.34
CA HIS A 48 0.64 -9.76 -2.12
C HIS A 48 0.39 -9.44 -0.64
N ILE A 49 1.46 -9.14 0.10
CA ILE A 49 1.36 -8.90 1.57
C ILE A 49 2.10 -7.63 1.81
N ASP A 50 1.41 -6.62 2.39
CA ASP A 50 2.01 -5.29 2.57
C ASP A 50 2.39 -5.11 4.01
N SER A 51 3.66 -4.85 4.27
CA SER A 51 4.11 -4.56 5.64
C SER A 51 5.06 -3.35 5.67
N ALA A 52 5.80 -3.11 6.78
CA ALA A 52 6.69 -1.92 6.88
C ALA A 52 7.44 -2.03 8.17
N HIS A 53 8.57 -1.35 8.26
CA HIS A 53 9.29 -1.37 9.55
C HIS A 53 8.44 -0.75 10.63
N LEU A 54 7.73 0.31 10.25
CA LEU A 54 6.86 0.99 11.23
C LEU A 54 5.83 0.11 11.93
N TYR A 55 5.37 -0.92 11.24
CA TYR A 55 4.24 -1.71 11.71
C TYR A 55 4.57 -2.67 12.84
N ASN A 56 5.86 -2.93 13.05
CA ASN A 56 6.31 -3.76 14.21
C ASN A 56 5.69 -5.14 14.11
N ASN A 57 5.64 -5.70 12.88
CA ASN A 57 5.06 -7.03 12.70
C ASN A 57 5.83 -7.85 11.70
N GLU A 58 6.98 -7.34 11.27
CA GLU A 58 7.68 -8.06 10.19
C GLU A 58 8.14 -9.44 10.64
N GLU A 59 8.48 -9.58 11.91
CA GLU A 59 8.79 -10.94 12.37
C GLU A 59 7.64 -11.96 12.16
N GLN A 60 6.45 -11.55 12.57
CA GLN A 60 5.26 -12.40 12.46
CA GLN A 60 5.28 -12.44 12.46
C GLN A 60 4.85 -12.58 11.01
N VAL A 61 4.89 -11.48 10.24
CA VAL A 61 4.46 -11.59 8.87
C VAL A 61 5.44 -12.52 8.06
N GLY A 62 6.73 -12.35 8.31
CA GLY A 62 7.71 -13.19 7.65
C GLY A 62 7.57 -14.64 8.07
N LEU A 63 7.32 -14.84 9.35
CA LEU A 63 7.09 -16.21 9.82
C LEU A 63 5.84 -16.85 9.16
N ALA A 64 4.77 -16.06 9.00
CA ALA A 64 3.57 -16.53 8.31
C ALA A 64 3.89 -16.98 6.87
N ILE A 65 4.68 -16.17 6.19
CA ILE A 65 5.04 -16.45 4.77
C ILE A 65 5.88 -17.74 4.77
N ARG A 66 6.84 -17.81 5.67
CA ARG A 66 7.73 -18.99 5.77
C ARG A 66 7.03 -20.28 6.19
N SER A 67 6.05 -20.10 7.08
CA SER A 67 5.18 -21.17 7.47
C SER A 67 4.40 -21.74 6.29
N LYS A 68 3.81 -20.86 5.45
CA LYS A 68 3.07 -21.34 4.29
C LYS A 68 3.95 -21.91 3.15
N ILE A 69 5.21 -21.51 3.15
CA ILE A 69 6.17 -22.12 2.20
C ILE A 69 6.52 -23.53 2.70
N ALA A 70 6.75 -23.62 4.00
CA ALA A 70 7.17 -24.89 4.65
C ALA A 70 6.09 -25.97 4.58
N ASP A 71 4.81 -25.60 4.57
CA ASP A 71 3.78 -26.64 4.53
C ASP A 71 3.35 -26.92 3.10
N GLY A 72 4.06 -26.34 2.13
CA GLY A 72 3.81 -26.66 0.73
C GLY A 72 2.70 -25.88 0.03
N SER A 73 2.07 -24.95 0.74
CA SER A 73 0.96 -24.17 0.18
C SER A 73 1.41 -23.24 -0.95
N VAL A 74 2.55 -22.59 -0.78
CA VAL A 74 3.06 -21.63 -1.79
C VAL A 74 4.56 -21.81 -1.85
N LYS A 75 5.15 -21.32 -2.93
CA LYS A 75 6.59 -21.18 -3.02
C LYS A 75 6.92 -19.69 -2.83
N ARG A 76 8.16 -19.40 -2.47
CA ARG A 76 8.55 -18.00 -2.24
C ARG A 76 8.25 -17.14 -3.46
N GLU A 77 8.47 -17.68 -4.67
CA GLU A 77 8.25 -16.89 -5.86
C GLU A 77 6.78 -16.54 -6.10
N ASP A 78 5.87 -17.21 -5.38
CA ASP A 78 4.42 -17.05 -5.52
C ASP A 78 3.96 -15.89 -4.63
N ILE A 79 4.80 -15.46 -3.69
CA ILE A 79 4.46 -14.44 -2.73
C ILE A 79 5.13 -13.12 -3.15
N PHE A 80 4.38 -12.01 -3.01
CA PHE A 80 4.93 -10.65 -3.28
C PHE A 80 4.90 -9.95 -1.94
N TYR A 81 6.07 -9.78 -1.32
CA TYR A 81 6.13 -9.15 0.01
C TYR A 81 6.70 -7.73 -0.09
N THR A 82 6.05 -6.77 0.59
CA THR A 82 6.51 -5.37 0.52
C THR A 82 6.89 -4.94 1.92
N SER A 83 8.00 -4.21 2.03
CA SER A 83 8.29 -3.49 3.26
C SER A 83 8.64 -2.05 2.87
N LYS A 84 8.86 -1.19 3.86
CA LYS A 84 8.95 0.22 3.58
C LYS A 84 9.98 0.79 4.53
N LEU A 85 10.69 1.77 3.98
CA LEU A 85 11.80 2.46 4.68
C LEU A 85 11.18 3.61 5.47
N TRP A 86 11.34 3.58 6.80
CA TRP A 86 10.70 4.57 7.62
C TRP A 86 11.47 5.89 7.51
N SER A 87 10.82 6.99 7.88
CA SER A 87 11.26 8.35 7.49
C SER A 87 12.43 8.87 8.33
N THR A 88 12.78 8.13 9.39
CA THR A 88 14.02 8.40 10.16
C THR A 88 15.25 7.82 9.46
N PHE A 89 15.07 7.04 8.37
CA PHE A 89 16.17 6.38 7.68
C PHE A 89 16.35 6.87 6.23
N HIS A 90 15.93 8.12 5.97
CA HIS A 90 16.11 8.68 4.64
C HIS A 90 17.55 9.00 4.26
N ARG A 91 18.42 9.27 5.24
CA ARG A 91 19.80 9.62 4.84
C ARG A 91 20.36 8.42 4.13
N PRO A 92 21.03 8.62 2.97
CA PRO A 92 21.35 7.49 2.05
C PRO A 92 22.13 6.37 2.72
N GLU A 93 23.02 6.69 3.69
CA GLU A 93 23.82 5.66 4.34
C GLU A 93 23.01 4.72 5.27
N LEU A 94 21.79 5.16 5.62
CA LEU A 94 20.90 4.36 6.47
C LEU A 94 19.93 3.45 5.71
N VAL A 95 19.80 3.64 4.42
CA VAL A 95 18.76 2.94 3.63
C VAL A 95 19.02 1.45 3.60
N ARG A 96 20.23 1.06 3.16
CA ARG A 96 20.50 -0.38 2.98
C ARG A 96 20.49 -1.11 4.31
N PRO A 97 21.05 -0.51 5.37
CA PRO A 97 20.95 -1.15 6.70
C PRO A 97 19.49 -1.31 7.23
N ALA A 98 18.61 -0.36 6.94
CA ALA A 98 17.20 -0.44 7.32
C ALA A 98 16.55 -1.59 6.58
N LEU A 99 16.88 -1.75 5.30
CA LEU A 99 16.29 -2.84 4.51
C LEU A 99 16.85 -4.17 4.99
N GLU A 100 18.18 -4.20 5.25
CA GLU A 100 18.74 -5.47 5.76
C GLU A 100 18.12 -5.85 7.09
N ASN A 101 17.85 -4.84 7.89
CA ASN A 101 17.16 -5.10 9.15
C ASN A 101 15.75 -5.68 9.02
N SER A 102 14.97 -5.09 8.13
CA SER A 102 13.63 -5.64 7.85
C SER A 102 13.71 -7.11 7.34
N LEU A 103 14.68 -7.40 6.50
CA LEU A 103 14.91 -8.77 5.95
C LEU A 103 15.29 -9.71 7.09
N LYS A 104 16.13 -9.23 8.02
CA LYS A 104 16.47 -10.08 9.17
C LYS A 104 15.28 -10.36 10.09
N LYS A 105 14.46 -9.32 10.36
CA LYS A 105 13.23 -9.56 11.11
C LYS A 105 12.33 -10.64 10.45
N ALA A 106 12.11 -10.50 9.14
CA ALA A 106 11.23 -11.39 8.38
C ALA A 106 11.86 -12.71 8.07
N GLN A 107 13.18 -12.78 8.29
CA GLN A 107 13.99 -13.94 7.89
C GLN A 107 13.77 -14.33 6.41
N LEU A 108 13.80 -13.34 5.51
CA LEU A 108 13.67 -13.50 4.08
C LEU A 108 14.96 -13.03 3.41
N ASP A 109 15.28 -13.61 2.27
CA ASP A 109 16.45 -13.17 1.51
C ASP A 109 16.27 -11.87 0.73
N TYR A 110 15.01 -11.54 0.39
CA TYR A 110 14.74 -10.34 -0.40
C TYR A 110 13.29 -9.98 -0.14
N VAL A 111 12.98 -8.69 -0.33
CA VAL A 111 11.58 -8.25 -0.44
C VAL A 111 11.23 -8.13 -1.93
N ASP A 112 9.98 -8.40 -2.31
CA ASP A 112 9.60 -8.14 -3.69
C ASP A 112 9.58 -6.65 -3.99
N LEU A 113 9.28 -5.84 -2.97
CA LEU A 113 9.11 -4.39 -3.11
C LEU A 113 9.54 -3.66 -1.88
N TYR A 114 10.34 -2.63 -2.05
CA TYR A 114 10.71 -1.76 -0.94
C TYR A 114 10.33 -0.33 -1.32
N LEU A 115 9.63 0.38 -0.43
CA LEU A 115 9.11 1.70 -0.74
C LEU A 115 9.76 2.69 0.18
N ILE A 116 9.96 3.89 -0.29
CA ILE A 116 10.11 5.02 0.67
C ILE A 116 8.72 5.28 1.29
N HIS A 117 8.56 5.08 2.60
CA HIS A 117 7.24 5.08 3.23
C HIS A 117 6.58 6.45 3.12
N SER A 118 7.40 7.50 3.15
CA SER A 118 6.77 8.81 3.10
C SER A 118 7.85 9.82 2.71
N PRO A 119 7.43 10.92 2.03
CA PRO A 119 8.42 11.98 1.68
C PRO A 119 8.81 12.85 2.88
N MET A 120 8.23 12.60 4.04
CA MET A 120 8.42 13.52 5.18
C MET A 120 9.55 13.10 6.10
N SER A 121 10.75 13.60 5.82
CA SER A 121 11.95 13.15 6.55
C SER A 121 11.90 13.56 8.02
N LEU A 122 12.42 12.67 8.87
CA LEU A 122 12.40 12.82 10.33
C LEU A 122 13.80 12.63 10.88
N LYS A 123 14.10 13.31 11.99
CA LYS A 123 15.43 13.22 12.60
C LYS A 123 15.90 11.76 12.76
N PRO A 124 17.11 11.40 12.26
CA PRO A 124 17.61 9.99 12.32
C PRO A 124 17.78 9.47 13.73
N ILE A 138 10.71 16.15 15.55
CA ILE A 138 11.85 16.78 14.89
C ILE A 138 11.94 16.35 13.40
N PHE A 139 11.77 17.32 12.52
CA PHE A 139 11.89 17.07 11.07
C PHE A 139 13.37 17.02 10.63
N ASP A 140 13.66 16.51 9.43
CA ASP A 140 15.01 16.51 8.91
C ASP A 140 14.84 17.07 7.51
N ILE A 141 15.94 17.57 6.94
CA ILE A 141 15.92 17.97 5.55
C ILE A 141 16.88 17.03 4.83
N VAL A 142 16.37 16.20 3.92
CA VAL A 142 17.18 15.25 3.17
C VAL A 142 16.84 15.42 1.69
N ASP A 143 17.86 15.37 0.82
CA ASP A 143 17.58 15.26 -0.62
C ASP A 143 17.08 13.82 -0.97
N LEU A 144 15.78 13.67 -1.21
CA LEU A 144 15.21 12.36 -1.48
C LEU A 144 15.72 11.78 -2.79
N CYS A 145 16.32 12.58 -3.68
CA CYS A 145 17.03 11.94 -4.78
C CYS A 145 18.20 11.11 -4.31
N THR A 146 18.88 11.52 -3.24
CA THR A 146 19.98 10.67 -2.74
C THR A 146 19.45 9.43 -2.03
N THR A 147 18.31 9.57 -1.32
CA THR A 147 17.62 8.39 -0.80
C THR A 147 17.28 7.41 -1.93
N TRP A 148 16.82 7.96 -3.05
CA TRP A 148 16.44 7.13 -4.16
C TRP A 148 17.65 6.39 -4.75
N GLU A 149 18.78 7.09 -4.90
CA GLU A 149 19.98 6.44 -5.39
C GLU A 149 20.34 5.27 -4.51
N ALA A 150 20.16 5.43 -3.18
CA ALA A 150 20.44 4.34 -2.24
C ALA A 150 19.46 3.15 -2.42
N MET A 151 18.20 3.46 -2.70
CA MET A 151 17.20 2.47 -3.07
C MET A 151 17.61 1.75 -4.35
N GLU A 152 18.10 2.48 -5.35
CA GLU A 152 18.52 1.81 -6.58
C GLU A 152 19.63 0.83 -6.31
N LYS A 153 20.60 1.22 -5.47
CA LYS A 153 21.67 0.28 -5.07
C LYS A 153 21.09 -1.02 -4.37
N CYS A 154 19.97 -0.94 -3.64
CA CYS A 154 19.37 -2.12 -3.00
C CYS A 154 18.75 -3.02 -4.03
N LYS A 155 18.13 -2.46 -5.08
CA LYS A 155 17.67 -3.31 -6.15
C LYS A 155 18.89 -3.94 -6.89
N ASP A 156 19.94 -3.16 -7.11
CA ASP A 156 21.11 -3.77 -7.78
C ASP A 156 21.77 -4.88 -7.01
N ALA A 157 21.72 -4.78 -5.68
CA ALA A 157 22.26 -5.86 -4.80
C ALA A 157 21.35 -7.08 -4.61
N GLY A 158 20.11 -7.00 -5.11
CA GLY A 158 19.16 -8.14 -4.98
C GLY A 158 18.45 -8.12 -3.64
N LEU A 159 18.57 -7.04 -2.84
CA LEU A 159 17.82 -6.98 -1.58
C LEU A 159 16.32 -6.75 -1.82
N ALA A 160 16.03 -5.98 -2.88
CA ALA A 160 14.64 -5.68 -3.29
C ALA A 160 14.52 -6.02 -4.77
N LYS A 161 13.50 -6.77 -5.17
CA LYS A 161 13.31 -7.01 -6.61
C LYS A 161 12.86 -5.74 -7.29
N SER A 162 11.99 -4.99 -6.61
CA SER A 162 11.46 -3.74 -7.13
C SER A 162 11.50 -2.67 -6.07
N ILE A 163 11.58 -1.40 -6.51
CA ILE A 163 11.57 -0.28 -5.59
C ILE A 163 10.54 0.75 -6.01
N GLY A 164 9.94 1.41 -4.98
CA GLY A 164 8.90 2.40 -5.27
C GLY A 164 8.82 3.44 -4.16
N VAL A 165 7.75 4.24 -4.19
CA VAL A 165 7.55 5.29 -3.19
C VAL A 165 6.14 5.14 -2.62
N SER A 166 5.90 5.94 -1.58
CA SER A 166 4.61 5.95 -0.90
C SER A 166 4.35 7.38 -0.41
N ASN A 167 3.10 7.78 -0.54
CA ASN A 167 2.60 9.09 -0.07
C ASN A 167 3.30 10.27 -0.80
N PHE A 168 3.74 10.04 -2.05
CA PHE A 168 4.32 11.12 -2.82
C PHE A 168 3.24 11.78 -3.61
N ASN A 169 3.29 13.12 -3.67
CA ASN A 169 2.42 13.78 -4.64
C ASN A 169 3.06 13.87 -6.03
N ARG A 170 2.36 14.50 -6.98
CA ARG A 170 2.85 14.59 -8.36
C ARG A 170 4.18 15.28 -8.35
N ARG A 171 4.31 16.40 -7.65
CA ARG A 171 5.58 17.15 -7.75
C ARG A 171 6.76 16.36 -7.17
N GLN A 172 6.47 15.64 -6.08
CA GLN A 172 7.52 14.83 -5.42
C GLN A 172 7.92 13.62 -6.29
N LEU A 173 6.96 13.00 -6.91
CA LEU A 173 7.22 11.95 -7.86
C LEU A 173 8.05 12.47 -9.07
N GLU A 174 7.71 13.65 -9.57
CA GLU A 174 8.50 14.21 -10.71
C GLU A 174 9.95 14.49 -10.33
N MET A 175 10.19 14.84 -9.07
CA MET A 175 11.54 15.10 -8.63
C MET A 175 12.44 13.92 -8.87
N ILE A 176 11.97 12.73 -8.52
CA ILE A 176 12.68 11.49 -8.80
C ILE A 176 12.76 11.22 -10.30
N LEU A 177 11.63 11.32 -10.98
CA LEU A 177 11.58 10.97 -12.41
C LEU A 177 12.54 11.83 -13.23
N ASN A 178 12.74 13.05 -12.76
CA ASN A 178 13.61 14.04 -13.42
C ASN A 178 15.07 14.07 -12.95
N LYS A 179 15.44 13.20 -12.01
CA LYS A 179 16.76 13.14 -11.46
C LYS A 179 17.84 12.81 -12.50
N PRO A 180 18.87 13.68 -12.65
CA PRO A 180 19.98 13.29 -13.52
C PRO A 180 20.52 11.88 -13.24
N GLY A 181 20.61 11.04 -14.28
CA GLY A 181 21.25 9.73 -14.17
C GLY A 181 20.39 8.72 -13.38
N LEU A 182 19.09 8.95 -13.37
CA LEU A 182 18.13 7.97 -12.83
C LEU A 182 18.36 6.61 -13.45
N LYS A 183 18.46 5.59 -12.61
CA LYS A 183 18.60 4.26 -13.13
C LYS A 183 17.29 3.47 -13.19
N TYR A 184 16.48 3.55 -12.11
CA TYR A 184 15.19 2.84 -12.08
C TYR A 184 14.10 3.80 -11.65
N LYS A 185 13.07 3.92 -12.48
CA LYS A 185 11.84 4.60 -12.05
C LYS A 185 11.23 3.87 -10.83
N PRO A 186 10.52 4.61 -9.97
CA PRO A 186 9.66 3.88 -8.99
C PRO A 186 8.65 3.02 -9.78
N VAL A 187 8.39 1.79 -9.31
CA VAL A 187 7.39 0.99 -9.98
C VAL A 187 5.98 1.41 -9.56
N CYS A 188 5.87 2.09 -8.43
CA CYS A 188 4.53 2.36 -7.89
C CYS A 188 4.59 3.56 -6.97
N ASN A 189 3.42 4.11 -6.67
CA ASN A 189 3.33 5.12 -5.64
C ASN A 189 2.14 4.67 -4.78
N GLN A 190 2.38 4.24 -3.54
CA GLN A 190 1.29 3.73 -2.69
C GLN A 190 0.70 4.87 -1.87
N VAL A 191 -0.60 5.14 -2.04
CA VAL A 191 -1.16 6.38 -1.50
C VAL A 191 -2.56 6.13 -0.91
N GLU A 192 -3.09 7.10 -0.15
CA GLU A 192 -4.42 6.96 0.37
C GLU A 192 -5.37 7.08 -0.81
N CYS A 193 -6.29 6.12 -0.99
CA CYS A 193 -7.15 6.19 -2.20
C CYS A 193 -8.40 5.31 -1.99
N HIS A 194 -9.58 5.93 -2.14
CA HIS A 194 -10.88 5.33 -1.91
C HIS A 194 -11.89 6.31 -2.51
N PRO A 195 -13.18 5.91 -2.54
CA PRO A 195 -14.15 6.77 -3.25
C PRO A 195 -14.31 8.15 -2.68
N TYR A 196 -13.88 8.40 -1.42
CA TYR A 196 -13.94 9.81 -0.92
C TYR A 196 -12.69 10.65 -1.26
N PHE A 197 -11.64 10.02 -1.83
CA PHE A 197 -10.38 10.68 -2.10
C PHE A 197 -9.76 9.80 -3.19
N ASN A 198 -10.28 9.94 -4.42
CA ASN A 198 -10.02 8.93 -5.42
C ASN A 198 -8.75 9.19 -6.23
N ARG A 199 -8.10 10.35 -6.01
CA ARG A 199 -6.78 10.60 -6.60
C ARG A 199 -6.75 10.57 -8.11
N SER A 200 -7.84 10.98 -8.76
N SER A 200 -7.85 10.94 -8.76
CA SER A 200 -7.95 10.77 -10.22
CA SER A 200 -7.99 10.72 -10.21
C SER A 200 -6.83 11.37 -11.00
C SER A 200 -6.90 11.40 -11.04
N LYS A 201 -6.53 12.64 -10.70
CA LYS A 201 -5.46 13.33 -11.45
C LYS A 201 -4.08 12.71 -11.22
N LEU A 202 -3.78 12.36 -9.96
CA LEU A 202 -2.55 11.65 -9.68
C LEU A 202 -2.54 10.30 -10.38
N LEU A 203 -3.68 9.59 -10.37
CA LEU A 203 -3.73 8.24 -11.00
C LEU A 203 -3.39 8.42 -12.52
N ASP A 204 -4.00 9.40 -13.15
CA ASP A 204 -3.70 9.69 -14.58
C ASP A 204 -2.23 9.98 -14.82
N PHE A 205 -1.64 10.79 -13.94
CA PHE A 205 -0.22 11.06 -14.09
C PHE A 205 0.66 9.78 -13.97
N CYS A 206 0.36 8.95 -12.95
CA CYS A 206 1.03 7.66 -12.76
C CYS A 206 0.83 6.77 -14.00
N LYS A 207 -0.41 6.67 -14.53
CA LYS A 207 -0.61 5.89 -15.75
C LYS A 207 0.25 6.39 -16.90
N SER A 208 0.36 7.72 -17.04
CA SER A 208 1.16 8.31 -18.15
C SER A 208 2.64 7.95 -18.04
N LYS A 209 3.07 7.47 -16.87
CA LYS A 209 4.48 7.15 -16.62
C LYS A 209 4.70 5.65 -16.41
N ASP A 210 3.65 4.85 -16.63
CA ASP A 210 3.70 3.42 -16.28
C ASP A 210 4.15 3.17 -14.81
N ILE A 211 3.62 4.01 -13.92
CA ILE A 211 3.84 3.80 -12.48
C ILE A 211 2.49 3.36 -11.92
N VAL A 212 2.48 2.27 -11.16
CA VAL A 212 1.20 1.76 -10.62
C VAL A 212 0.81 2.53 -9.39
N LEU A 213 -0.45 2.93 -9.29
CA LEU A 213 -0.93 3.50 -8.02
CA LEU A 213 -0.95 3.50 -8.04
C LEU A 213 -1.46 2.36 -7.18
N VAL A 214 -0.98 2.26 -5.92
CA VAL A 214 -1.49 1.21 -4.99
C VAL A 214 -2.29 1.95 -3.95
N ALA A 215 -3.55 1.55 -3.75
CA ALA A 215 -4.39 2.26 -2.80
C ALA A 215 -4.34 1.63 -1.40
N TYR A 216 -4.09 2.43 -0.39
CA TYR A 216 -4.34 2.02 1.00
C TYR A 216 -5.53 2.81 1.57
N SER A 217 -6.04 2.32 2.70
CA SER A 217 -7.32 2.81 3.26
C SER A 217 -8.42 2.76 2.21
N ALA A 218 -8.35 1.73 1.35
CA ALA A 218 -9.34 1.58 0.30
C ALA A 218 -10.72 1.24 0.89
N LEU A 219 -10.74 0.77 2.14
CA LEU A 219 -12.00 0.46 2.85
C LEU A 219 -12.34 1.56 3.85
N GLY A 220 -11.64 2.68 3.82
CA GLY A 220 -12.03 3.84 4.56
C GLY A 220 -11.17 3.99 5.78
N SER A 221 -10.09 3.19 5.89
CA SER A 221 -9.08 3.25 7.02
C SER A 221 -9.59 2.60 8.28
N GLN A 222 -8.65 2.35 9.20
CA GLN A 222 -8.99 1.75 10.50
C GLN A 222 -9.52 2.83 11.46
N ARG A 223 -9.61 4.08 10.99
CA ARG A 223 -10.16 5.18 11.81
C ARG A 223 -9.44 5.29 13.19
N ASP A 224 -8.13 5.19 13.19
CA ASP A 224 -7.35 5.23 14.44
C ASP A 224 -7.39 6.64 15.00
N LYS A 225 -7.69 6.74 16.32
CA LYS A 225 -7.86 8.05 16.97
C LYS A 225 -6.60 8.92 16.91
N ARG A 226 -5.44 8.30 16.70
CA ARG A 226 -4.19 9.09 16.61
C ARG A 226 -4.17 10.01 15.42
N TRP A 227 -4.87 9.63 14.34
CA TRP A 227 -4.79 10.42 13.11
C TRP A 227 -6.11 10.71 12.37
N VAL A 228 -7.21 10.05 12.75
CA VAL A 228 -8.48 10.15 12.01
C VAL A 228 -9.55 10.74 12.88
N ASP A 229 -10.21 11.77 12.38
CA ASP A 229 -11.33 12.37 13.08
C ASP A 229 -12.56 11.42 13.11
N PRO A 230 -13.08 11.06 14.29
CA PRO A 230 -14.19 10.06 14.34
C PRO A 230 -15.45 10.62 13.73
N ASN A 231 -15.48 11.94 13.57
CA ASN A 231 -16.62 12.60 12.85
C ASN A 231 -16.61 12.38 11.34
N SER A 232 -15.48 11.95 10.79
CA SER A 232 -15.36 11.81 9.35
C SER A 232 -16.39 10.75 8.86
N PRO A 233 -16.88 10.89 7.61
CA PRO A 233 -17.85 9.88 7.13
C PRO A 233 -17.27 8.48 7.10
N VAL A 234 -18.11 7.49 7.40
CA VAL A 234 -17.63 6.14 7.47
C VAL A 234 -17.83 5.61 6.08
N LEU A 235 -16.72 5.32 5.37
CA LEU A 235 -16.88 5.02 3.93
C LEU A 235 -17.84 3.83 3.72
N LEU A 236 -17.71 2.75 4.51
CA LEU A 236 -18.51 1.55 4.23
C LEU A 236 -19.99 1.69 4.55
N GLU A 237 -20.41 2.88 5.03
CA GLU A 237 -21.83 3.15 5.28
C GLU A 237 -22.33 4.11 4.27
N ASP A 238 -21.51 4.42 3.27
CA ASP A 238 -21.95 5.30 2.23
C ASP A 238 -23.20 4.76 1.47
N PRO A 239 -24.25 5.59 1.31
CA PRO A 239 -25.53 5.13 0.66
C PRO A 239 -25.37 4.65 -0.76
N VAL A 240 -24.43 5.24 -1.51
CA VAL A 240 -24.21 4.77 -2.91
C VAL A 240 -23.54 3.43 -2.89
N LEU A 241 -22.49 3.27 -2.06
CA LEU A 241 -21.86 1.93 -1.97
C LEU A 241 -22.82 0.88 -1.46
N CYS A 242 -23.70 1.26 -0.53
CA CYS A 242 -24.65 0.26 -0.03
CA CYS A 242 -24.69 0.28 -0.01
C CYS A 242 -25.65 -0.15 -1.12
N ALA A 243 -26.04 0.81 -1.95
CA ALA A 243 -27.02 0.56 -3.00
C ALA A 243 -26.38 -0.33 -4.05
N LEU A 244 -25.12 -0.05 -4.38
CA LEU A 244 -24.40 -0.91 -5.34
C LEU A 244 -24.19 -2.34 -4.81
N ALA A 245 -23.92 -2.45 -3.50
CA ALA A 245 -23.77 -3.77 -2.89
C ALA A 245 -25.10 -4.54 -2.92
N LYS A 246 -26.23 -3.83 -2.75
CA LYS A 246 -27.55 -4.48 -2.85
C LYS A 246 -27.82 -4.88 -4.30
N LYS A 247 -27.51 -3.99 -5.25
CA LYS A 247 -27.71 -4.32 -6.65
C LYS A 247 -26.96 -5.56 -7.06
N HIS A 248 -25.68 -5.66 -6.65
CA HIS A 248 -24.80 -6.77 -7.03
C HIS A 248 -24.87 -8.01 -6.06
N LYS A 249 -25.63 -7.85 -5.00
CA LYS A 249 -25.66 -8.85 -3.86
C LYS A 249 -24.24 -9.19 -3.43
N ARG A 250 -23.45 -8.11 -3.21
CA ARG A 250 -22.11 -8.21 -2.63
C ARG A 250 -22.12 -7.36 -1.33
N THR A 251 -21.02 -6.70 -1.02
CA THR A 251 -20.94 -5.92 0.23
C THR A 251 -20.31 -4.60 -0.15
N PRO A 252 -20.49 -3.57 0.66
CA PRO A 252 -19.91 -2.28 0.34
C PRO A 252 -18.38 -2.41 0.20
N ALA A 253 -17.73 -3.21 1.08
CA ALA A 253 -16.29 -3.38 0.94
C ALA A 253 -15.93 -3.93 -0.42
N LEU A 254 -16.66 -4.96 -0.88
CA LEU A 254 -16.34 -5.52 -2.20
C LEU A 254 -16.51 -4.52 -3.32
N ILE A 255 -17.54 -3.67 -3.20
CA ILE A 255 -17.74 -2.63 -4.19
C ILE A 255 -16.54 -1.73 -4.19
N ALA A 256 -16.11 -1.34 -2.96
CA ALA A 256 -15.00 -0.39 -2.91
C ALA A 256 -13.67 -0.98 -3.46
N LEU A 257 -13.43 -2.27 -3.24
CA LEU A 257 -12.24 -2.90 -3.81
C LEU A 257 -12.36 -3.04 -5.31
N ARG A 258 -13.52 -3.46 -5.80
CA ARG A 258 -13.67 -3.70 -7.23
C ARG A 258 -13.55 -2.42 -8.02
N TYR A 259 -14.10 -1.32 -7.48
CA TYR A 259 -13.89 0.00 -8.08
C TYR A 259 -12.38 0.27 -8.38
N GLN A 260 -11.50 -0.02 -7.40
CA GLN A 260 -10.10 0.20 -7.65
C GLN A 260 -9.58 -0.66 -8.76
N LEU A 261 -9.92 -1.94 -8.74
CA LEU A 261 -9.35 -2.82 -9.79
C LEU A 261 -9.75 -2.37 -11.20
N GLN A 262 -11.00 -1.88 -11.34
CA GLN A 262 -11.46 -1.44 -12.67
C GLN A 262 -10.83 -0.09 -13.12
N ARG A 263 -10.30 0.73 -12.20
CA ARG A 263 -9.55 1.93 -12.48
CA ARG A 263 -9.61 1.89 -12.69
C ARG A 263 -8.11 1.62 -12.82
N GLY A 264 -7.69 0.39 -12.69
CA GLY A 264 -6.26 0.03 -12.97
C GLY A 264 -5.39 0.34 -11.74
N VAL A 265 -6.04 0.48 -10.58
CA VAL A 265 -5.33 0.65 -9.30
C VAL A 265 -5.14 -0.71 -8.55
N VAL A 266 -3.97 -0.97 -7.99
CA VAL A 266 -3.74 -2.17 -7.22
C VAL A 266 -4.26 -1.85 -5.84
N VAL A 267 -4.99 -2.78 -5.19
CA VAL A 267 -5.68 -2.36 -4.00
C VAL A 267 -5.28 -3.26 -2.82
N LEU A 268 -5.00 -2.63 -1.66
CA LEU A 268 -4.80 -3.34 -0.41
C LEU A 268 -6.08 -3.44 0.36
N ALA A 269 -6.16 -4.47 1.21
CA ALA A 269 -7.34 -4.58 2.10
C ALA A 269 -6.80 -5.20 3.36
N LYS A 270 -6.93 -4.48 4.45
CA LYS A 270 -6.60 -5.05 5.76
C LYS A 270 -7.83 -5.69 6.34
N SER A 271 -7.68 -6.92 6.83
CA SER A 271 -8.72 -7.46 7.73
C SER A 271 -8.05 -8.41 8.68
N TYR A 272 -8.38 -8.34 9.98
CA TYR A 272 -7.91 -9.37 10.95
C TYR A 272 -9.02 -10.36 11.33
N ASN A 273 -10.06 -10.44 10.52
CA ASN A 273 -11.24 -11.20 10.80
C ASN A 273 -11.30 -12.26 9.74
N GLU A 274 -11.37 -13.52 10.18
CA GLU A 274 -11.35 -14.66 9.25
C GLU A 274 -12.44 -14.58 8.13
N GLN A 275 -13.66 -14.23 8.48
CA GLN A 275 -14.71 -14.14 7.47
C GLN A 275 -14.44 -13.04 6.45
N ARG A 276 -13.99 -11.89 6.93
CA ARG A 276 -13.81 -10.79 5.97
C ARG A 276 -12.54 -11.00 5.10
N ILE A 277 -11.51 -11.64 5.69
CA ILE A 277 -10.38 -11.98 4.86
C ILE A 277 -10.83 -12.86 3.68
N ARG A 278 -11.65 -13.87 3.93
CA ARG A 278 -12.09 -14.73 2.83
C ARG A 278 -13.08 -14.02 1.86
N GLN A 279 -13.89 -13.09 2.37
CA GLN A 279 -14.88 -12.37 1.58
C GLN A 279 -14.10 -11.47 0.61
N ASN A 280 -12.98 -10.89 1.09
CA ASN A 280 -12.31 -9.90 0.26
C ASN A 280 -11.76 -10.45 -1.08
N VAL A 281 -11.40 -11.73 -1.15
CA VAL A 281 -10.90 -12.25 -2.45
C VAL A 281 -12.00 -12.46 -3.51
N GLN A 282 -13.23 -12.30 -3.09
CA GLN A 282 -14.41 -12.33 -3.97
C GLN A 282 -14.41 -11.14 -4.92
N VAL A 283 -13.49 -10.20 -4.69
CA VAL A 283 -13.42 -9.10 -5.59
C VAL A 283 -13.21 -9.54 -7.06
N PHE A 284 -12.65 -10.73 -7.27
CA PHE A 284 -12.42 -11.17 -8.64
C PHE A 284 -13.63 -11.84 -9.28
N GLU A 285 -14.72 -11.96 -8.50
CA GLU A 285 -15.88 -12.75 -8.94
C GLU A 285 -17.00 -11.96 -9.60
N PHE A 286 -16.94 -10.62 -9.65
CA PHE A 286 -18.00 -9.88 -10.29
C PHE A 286 -17.40 -8.60 -10.90
N GLN A 287 -18.23 -7.84 -11.58
CA GLN A 287 -17.74 -6.61 -12.15
C GLN A 287 -18.81 -5.57 -12.14
N LEU A 288 -18.35 -4.35 -12.12
CA LEU A 288 -19.18 -3.15 -12.11
C LEU A 288 -19.34 -2.57 -13.52
N THR A 289 -20.52 -2.03 -13.78
CA THR A 289 -20.77 -1.44 -15.13
C THR A 289 -20.25 0.00 -15.15
N ALA A 290 -20.25 0.64 -16.33
CA ALA A 290 -19.81 2.03 -16.48
C ALA A 290 -20.67 2.96 -15.61
N GLU A 291 -21.99 2.72 -15.54
CA GLU A 291 -22.85 3.52 -14.68
C GLU A 291 -22.50 3.37 -13.21
N ASP A 292 -22.22 2.12 -12.80
CA ASP A 292 -21.79 1.91 -11.41
C ASP A 292 -20.53 2.70 -11.14
N MET A 293 -19.56 2.61 -12.04
CA MET A 293 -18.27 3.30 -11.82
C MET A 293 -18.41 4.85 -11.78
N LYS A 294 -19.36 5.39 -12.58
CA LYS A 294 -19.60 6.84 -12.56
C LYS A 294 -20.20 7.20 -11.20
N ALA A 295 -21.13 6.36 -10.72
CA ALA A 295 -21.77 6.64 -9.39
C ALA A 295 -20.70 6.67 -8.29
N ILE A 296 -19.72 5.75 -8.35
CA ILE A 296 -18.67 5.73 -7.30
C ILE A 296 -17.75 6.93 -7.50
N ASP A 297 -17.40 7.21 -8.77
CA ASP A 297 -16.63 8.45 -9.08
C ASP A 297 -17.23 9.74 -8.57
N GLY A 298 -18.55 9.75 -8.45
CA GLY A 298 -19.29 10.93 -7.96
C GLY A 298 -19.14 11.17 -6.45
N LEU A 299 -18.57 10.21 -5.71
CA LEU A 299 -18.41 10.34 -4.25
C LEU A 299 -17.19 11.16 -3.86
N ASP A 300 -16.33 11.46 -4.82
CA ASP A 300 -15.01 12.08 -4.51
C ASP A 300 -15.21 13.40 -3.77
N ARG A 301 -14.52 13.57 -2.66
CA ARG A 301 -14.76 14.77 -1.84
C ARG A 301 -13.50 15.29 -1.15
N ASN A 302 -12.35 14.94 -1.71
CA ASN A 302 -11.07 15.47 -1.26
C ASN A 302 -10.86 15.09 0.21
N LEU A 303 -11.36 13.93 0.60
CA LEU A 303 -11.21 13.55 1.99
C LEU A 303 -10.11 12.52 2.33
N HIS A 304 -8.98 13.02 2.85
CA HIS A 304 -8.01 12.10 3.40
C HIS A 304 -8.30 11.82 4.89
N TYR A 305 -8.50 10.55 5.22
CA TYR A 305 -8.77 10.17 6.60
C TYR A 305 -7.55 10.50 7.50
N PHE A 306 -6.33 10.27 7.00
CA PHE A 306 -5.18 10.68 7.84
C PHE A 306 -5.04 12.18 7.81
N ASN A 307 -5.36 12.84 8.94
CA ASN A 307 -5.48 14.31 8.94
C ASN A 307 -5.08 14.79 10.32
N SER A 308 -3.77 14.92 10.51
CA SER A 308 -3.24 15.14 11.88
C SER A 308 -2.16 16.21 11.86
N ASP A 309 -2.13 17.04 12.89
CA ASP A 309 -1.09 18.02 13.10
C ASP A 309 0.31 17.37 12.89
N SER A 310 0.45 16.11 13.28
CA SER A 310 1.79 15.51 13.21
C SER A 310 2.35 15.30 11.78
N PHE A 311 1.48 15.36 10.77
CA PHE A 311 1.88 15.29 9.37
C PHE A 311 1.76 16.69 8.77
N ALA A 312 0.67 17.40 9.09
CA ALA A 312 0.25 18.52 8.27
C ALA A 312 1.20 19.71 8.41
N SER A 313 2.02 19.70 9.44
CA SER A 313 2.92 20.85 9.71
C SER A 313 4.27 20.59 9.07
N HIS A 314 4.46 19.43 8.43
CA HIS A 314 5.78 19.05 7.92
C HIS A 314 6.04 19.81 6.63
N PRO A 315 7.30 20.31 6.41
CA PRO A 315 7.53 21.10 5.18
C PRO A 315 7.27 20.37 3.89
N ASN A 316 7.38 19.04 3.87
CA ASN A 316 7.14 18.18 2.69
C ASN A 316 5.86 17.34 2.80
N TYR A 317 4.94 17.78 3.67
CA TYR A 317 3.58 17.18 3.69
C TYR A 317 3.03 17.06 2.27
N PRO A 318 2.57 15.88 1.83
CA PRO A 318 2.22 15.81 0.42
C PRO A 318 0.90 16.47 0.10
N TYR A 319 0.03 16.70 1.09
CA TYR A 319 -1.26 17.20 0.72
C TYR A 319 -1.27 18.74 0.70
N SER A 320 -0.10 19.33 0.88
CA SER A 320 0.04 20.82 0.78
C SER A 320 -0.24 21.24 -0.69
N ASP A 321 -0.13 20.24 -1.55
CA ASP A 321 -0.91 20.08 -2.76
C ASP A 321 -0.25 20.61 -3.98
PA NAP B . -8.42 -0.78 5.08
O1A NAP B . -8.92 0.57 4.66
O2A NAP B . -7.95 -1.68 4.04
O5B NAP B . -9.54 -1.42 6.07
C5B NAP B . -10.28 -0.62 7.05
C4B NAP B . -11.15 -1.63 7.91
O4B NAP B . -11.91 -2.31 6.99
C3B NAP B . -10.26 -2.74 8.53
O3B NAP B . -9.85 -2.31 9.85
C2B NAP B . -11.14 -3.99 8.52
O2B NAP B . -11.59 -4.32 9.81
C1B NAP B . -12.31 -3.49 7.72
N9A NAP B . -12.74 -4.50 6.63
C8A NAP B . -11.87 -5.25 5.92
N7A NAP B . -12.58 -6.02 5.11
C5A NAP B . -13.90 -5.77 5.33
C6A NAP B . -15.07 -6.29 4.79
N6A NAP B . -15.10 -7.23 3.82
N1A NAP B . -16.25 -5.79 5.32
C2A NAP B . -16.27 -4.80 6.25
N3A NAP B . -15.18 -4.29 6.80
C4A NAP B . -13.98 -4.77 6.30
O3 NAP B . -7.28 -0.42 6.16
PN NAP B . -5.86 0.35 6.24
O1N NAP B . -6.09 1.83 6.31
O2N NAP B . -5.06 -0.28 7.28
O5D NAP B . -5.22 0.11 4.82
C5D NAP B . -4.78 -1.25 4.45
C4D NAP B . -3.24 -1.48 4.57
O4D NAP B . -2.63 -0.41 3.71
C3D NAP B . -2.60 -1.32 5.94
O3D NAP B . -2.91 -2.51 6.72
C2D NAP B . -1.15 -1.16 5.52
O2D NAP B . -0.66 -2.41 5.04
C1D NAP B . -1.32 -0.17 4.27
N1N NAP B . -1.24 1.25 4.66
C2N NAP B . -0.12 1.91 4.21
C3N NAP B . 0.06 3.28 4.53
C7N NAP B . 1.22 4.04 3.95
O7N NAP B . 1.55 5.12 4.47
N7N NAP B . 1.79 3.49 2.83
C4N NAP B . -0.85 3.93 5.34
C5N NAP B . -2.01 3.22 5.77
C6N NAP B . -2.22 1.89 5.43
P2B NAP B . -11.40 -5.89 10.31
O1X NAP B . -12.04 -6.77 9.21
O2X NAP B . -12.26 -5.81 11.70
O3X NAP B . -9.94 -6.07 10.63
C1 IZP C . 1.05 3.97 8.19
O1 IZP C . 1.62 3.28 7.25
C2 IZP C . 0.87 9.83 5.05
O2 IZP C . 0.11 3.53 8.87
C3 IZP C . 0.60 11.20 5.62
C4 IZP C . 0.72 12.20 4.47
C5 IZP C . -0.81 11.29 6.18
C6 IZP C . 1.63 5.31 8.68
C7 IZP C . 1.02 5.75 10.07
C8 IZP C . 1.38 6.47 7.72
C9 IZP C . 0.07 6.84 7.34
C10 IZP C . -0.03 7.92 6.45
C11 IZP C . 1.08 8.66 6.01
C12 IZP C . 2.35 8.32 6.47
C13 IZP C . 2.51 7.19 7.31
C1 EDO D . -4.24 -11.95 -4.87
O1 EDO D . -3.16 -11.40 -4.10
C2 EDO D . -3.93 -11.83 -6.37
O2 EDO D . -4.02 -10.49 -6.91
#